data_5TTX
#
_entry.id   5TTX
#
_cell.length_a   131.966
_cell.length_b   161.494
_cell.length_c   101.702
_cell.angle_alpha   90.00
_cell.angle_beta   90.00
_cell.angle_gamma   90.00
#
_symmetry.space_group_name_H-M   'C 2 2 21'
#
loop_
_entity.id
_entity.type
_entity.pdbx_description
1 polymer 'Hydrogenase 2 maturation peptidase'
2 non-polymer GLYCEROL
3 water water
#
_entity_poly.entity_id   1
_entity_poly.type   'polypeptide(L)'
_entity_poly.pdbx_seq_one_letter_code
;SNA(MSE)SAGKRVLVAGVGNRL(MSE)GDDGFGPRVVDLLSS(MSE)SLPDYVDARDIGTAGITVATDLEDYEKVIFLD
SVELEGPPGRLSKSILEVRGLDEDISQLAR(MSE)TLHEVGLEGLLKFAKSIGVLPGEVTLIGCIPRSLKPSLELSEEVE
AATHAAVDLVLEALGLE
;
_entity_poly.pdbx_strand_id   A,B,C,D
#
# COMPACT_ATOMS: atom_id res chain seq x y z
N LYS A 8 12.77 -25.78 -9.51
CA LYS A 8 12.90 -25.32 -8.13
C LYS A 8 13.83 -24.11 -8.07
N ARG A 9 13.36 -22.97 -8.57
CA ARG A 9 14.23 -21.82 -8.76
C ARG A 9 13.86 -20.60 -7.94
N VAL A 10 12.57 -20.28 -7.83
CA VAL A 10 12.11 -19.13 -7.08
C VAL A 10 11.30 -19.61 -5.89
N LEU A 11 11.57 -19.04 -4.72
CA LEU A 11 10.84 -19.33 -3.49
C LEU A 11 10.03 -18.12 -3.11
N VAL A 12 8.71 -18.30 -2.98
CA VAL A 12 7.87 -17.29 -2.35
C VAL A 12 7.39 -17.86 -1.02
N ALA A 13 7.79 -17.21 0.08
CA ALA A 13 7.64 -17.75 1.43
C ALA A 13 6.68 -16.89 2.23
N GLY A 14 5.58 -17.47 2.68
CA GLY A 14 4.68 -16.81 3.60
C GLY A 14 5.03 -17.16 5.03
N VAL A 15 5.24 -16.14 5.84
CA VAL A 15 5.71 -16.32 7.21
C VAL A 15 4.70 -15.71 8.16
N GLY A 16 4.29 -16.47 9.16
CA GLY A 16 3.46 -15.96 10.24
C GLY A 16 2.54 -17.06 10.76
N ASN A 17 1.74 -16.68 11.75
CA ASN A 17 0.87 -17.61 12.46
C ASN A 17 -0.59 -17.38 12.02
N ARG A 18 -1.15 -18.35 11.28
CA ARG A 18 -2.55 -18.30 10.81
C ARG A 18 -3.56 -18.14 11.94
N LEU A 19 -3.22 -18.53 13.16
CA LEU A 19 -4.13 -18.45 14.29
C LEU A 19 -4.11 -17.09 14.99
N GLY A 21 -4.77 -13.93 13.64
CA GLY A 21 -5.38 -12.82 12.93
C GLY A 21 -4.57 -12.41 11.74
N ASP A 22 -4.20 -11.13 11.71
CA ASP A 22 -3.51 -10.61 10.54
C ASP A 22 -2.06 -11.07 10.45
N ASP A 23 -1.52 -11.80 11.44
CA ASP A 23 -0.23 -12.43 11.22
C ASP A 23 -0.30 -13.53 10.19
N GLY A 24 -1.50 -13.95 9.80
CA GLY A 24 -1.63 -14.88 8.70
C GLY A 24 -1.58 -14.25 7.32
N PHE A 25 -1.21 -12.97 7.21
CA PHE A 25 -1.05 -12.34 5.89
C PHE A 25 -0.18 -13.18 4.95
N GLY A 26 1.04 -13.53 5.36
CA GLY A 26 1.97 -14.22 4.49
C GLY A 26 1.46 -15.56 3.98
N PRO A 27 1.09 -16.46 4.90
CA PRO A 27 0.52 -17.75 4.48
C PRO A 27 -0.72 -17.60 3.62
N ARG A 28 -1.53 -16.56 3.87
CA ARG A 28 -2.73 -16.37 3.07
C ARG A 28 -2.40 -15.88 1.65
N VAL A 29 -1.30 -15.15 1.47
CA VAL A 29 -0.84 -14.83 0.12
C VAL A 29 -0.40 -16.10 -0.59
N VAL A 30 0.32 -16.97 0.11
CA VAL A 30 0.70 -18.25 -0.49
C VAL A 30 -0.54 -19.01 -0.95
N ASP A 31 -1.62 -19.00 -0.15
CA ASP A 31 -2.86 -19.64 -0.58
C ASP A 31 -3.34 -19.07 -1.90
N LEU A 32 -3.33 -17.75 -2.05
CA LEU A 32 -3.73 -17.16 -3.33
C LEU A 32 -2.84 -17.63 -4.46
N LEU A 33 -1.52 -17.58 -4.26
CA LEU A 33 -0.58 -17.98 -5.31
C LEU A 33 -0.72 -19.46 -5.67
N SER A 34 -0.82 -20.33 -4.66
CA SER A 34 -1.03 -21.76 -4.90
C SER A 34 -2.29 -22.05 -5.70
N SER A 35 -3.26 -21.16 -5.72
CA SER A 35 -4.45 -21.45 -6.51
C SER A 35 -4.39 -20.83 -7.91
N SER A 37 -2.05 -20.36 -11.54
CA SER A 37 -1.32 -21.35 -12.32
C SER A 37 0.06 -20.77 -12.57
N LEU A 38 0.90 -21.00 -11.70
CA LEU A 38 2.26 -20.50 -11.67
C LEU A 38 3.22 -21.51 -12.32
N PRO A 39 4.26 -21.00 -12.97
CA PRO A 39 5.28 -21.90 -13.53
C PRO A 39 5.84 -22.84 -12.47
N ASP A 40 6.21 -24.05 -12.90
CA ASP A 40 6.72 -25.07 -11.99
C ASP A 40 7.93 -24.58 -11.20
N TYR A 41 8.70 -23.64 -11.76
CA TYR A 41 9.93 -23.26 -11.08
C TYR A 41 9.69 -22.36 -9.86
N VAL A 42 8.48 -21.82 -9.71
CA VAL A 42 8.12 -21.06 -8.54
C VAL A 42 7.62 -22.01 -7.45
N ASP A 43 8.20 -21.92 -6.25
CA ASP A 43 7.68 -22.60 -5.07
C ASP A 43 7.04 -21.55 -4.17
N ALA A 44 5.70 -21.55 -4.09
CA ALA A 44 4.97 -20.75 -3.10
C ALA A 44 4.78 -21.64 -1.87
N ARG A 45 5.47 -21.32 -0.78
CA ARG A 45 5.54 -22.23 0.35
C ARG A 45 5.06 -21.53 1.62
N ASP A 46 4.16 -22.19 2.32
CA ASP A 46 3.61 -21.68 3.58
C ASP A 46 4.55 -22.12 4.70
N ILE A 47 5.43 -21.22 5.11
CA ILE A 47 6.41 -21.52 6.15
C ILE A 47 5.79 -21.42 7.55
N GLY A 48 4.72 -20.64 7.70
CA GLY A 48 4.08 -20.52 9.00
C GLY A 48 5.03 -19.94 10.03
N THR A 49 5.11 -20.62 11.17
CA THR A 49 5.99 -20.28 12.29
C THR A 49 7.15 -21.26 12.42
N ALA A 50 7.29 -22.18 11.48
CA ALA A 50 8.26 -23.26 11.61
C ALA A 50 9.66 -22.90 11.11
N GLY A 51 9.84 -21.72 10.49
CA GLY A 51 11.12 -21.32 9.91
C GLY A 51 11.57 -22.20 8.76
N ILE A 52 12.70 -21.84 8.17
CA ILE A 52 13.24 -22.61 7.05
C ILE A 52 14.72 -22.84 7.26
N THR A 53 15.20 -24.03 6.91
CA THR A 53 16.62 -24.34 6.90
C THR A 53 17.30 -23.76 5.66
N VAL A 54 18.49 -23.19 5.86
CA VAL A 54 19.30 -22.68 4.77
C VAL A 54 19.99 -23.82 4.01
N ALA A 55 20.76 -24.64 4.72
CA ALA A 55 21.40 -25.78 4.09
C ALA A 55 20.35 -26.77 3.57
N THR A 56 20.58 -27.26 2.35
CA THR A 56 19.76 -28.27 1.68
C THR A 56 18.33 -27.82 1.39
N ASP A 57 18.03 -26.52 1.51
CA ASP A 57 16.67 -26.06 1.26
C ASP A 57 16.70 -24.66 0.67
N LEU A 58 16.92 -23.64 1.51
CA LEU A 58 16.87 -22.26 1.01
C LEU A 58 17.97 -21.99 -0.01
N GLU A 59 19.14 -22.59 0.18
CA GLU A 59 20.24 -22.36 -0.74
C GLU A 59 19.97 -22.90 -2.14
N ASP A 60 18.98 -23.77 -2.32
CA ASP A 60 18.70 -24.26 -3.66
C ASP A 60 17.86 -23.31 -4.49
N TYR A 61 17.47 -22.16 -3.96
CA TYR A 61 16.78 -21.15 -4.74
C TYR A 61 17.76 -20.07 -5.17
N GLU A 62 17.47 -19.46 -6.32
CA GLU A 62 18.23 -18.30 -6.77
C GLU A 62 17.53 -16.99 -6.45
N LYS A 63 16.25 -17.03 -6.14
CA LYS A 63 15.53 -15.82 -5.80
C LYS A 63 14.54 -16.17 -4.70
N VAL A 64 14.42 -15.30 -3.70
CA VAL A 64 13.51 -15.49 -2.58
C VAL A 64 12.69 -14.24 -2.38
N ILE A 65 11.39 -14.43 -2.13
CA ILE A 65 10.46 -13.37 -1.72
C ILE A 65 9.82 -13.82 -0.42
N PHE A 66 9.99 -13.01 0.63
CA PHE A 66 9.40 -13.29 1.94
C PHE A 66 8.21 -12.37 2.15
N LEU A 67 7.13 -12.94 2.66
CA LEU A 67 5.92 -12.20 3.02
C LEU A 67 5.63 -12.40 4.49
N ASP A 68 5.43 -11.29 5.22
CA ASP A 68 5.16 -11.39 6.64
C ASP A 68 4.37 -10.16 7.06
N SER A 69 4.08 -10.10 8.35
CA SER A 69 3.37 -8.99 8.95
C SER A 69 4.35 -8.14 9.75
N VAL A 70 4.29 -6.83 9.57
CA VAL A 70 5.26 -5.91 10.20
C VAL A 70 4.51 -4.71 10.76
N GLU A 71 4.79 -4.35 12.00
CA GLU A 71 4.25 -3.11 12.53
C GLU A 71 5.15 -1.94 12.14
N LEU A 72 4.68 -1.11 11.22
CA LEU A 72 5.32 0.12 10.79
C LEU A 72 4.32 1.24 10.98
N GLU A 73 4.78 2.48 10.87
CA GLU A 73 3.84 3.59 10.81
C GLU A 73 3.01 3.49 9.55
N GLY A 74 1.70 3.60 9.70
CA GLY A 74 0.81 3.53 8.58
C GLY A 74 -0.40 2.70 8.91
N PRO A 75 -1.42 2.78 8.04
CA PRO A 75 -2.70 2.14 8.35
C PRO A 75 -2.66 0.65 8.06
N PRO A 76 -3.55 -0.12 8.68
CA PRO A 76 -3.65 -1.55 8.35
C PRO A 76 -3.83 -1.78 6.86
N GLY A 77 -3.17 -2.81 6.35
CA GLY A 77 -3.20 -3.13 4.93
C GLY A 77 -2.17 -2.38 4.10
N ARG A 78 -1.44 -1.43 4.67
CA ARG A 78 -0.31 -0.85 3.97
C ARG A 78 0.77 -1.92 3.73
N LEU A 79 1.33 -1.93 2.54
CA LEU A 79 2.37 -2.87 2.17
C LEU A 79 3.72 -2.17 2.11
N SER A 80 4.78 -2.93 2.36
CA SER A 80 6.14 -2.40 2.45
C SER A 80 7.07 -3.39 1.79
N LYS A 81 7.75 -2.97 0.74
CA LYS A 81 8.69 -3.84 0.03
C LYS A 81 10.09 -3.38 0.35
N SER A 82 10.95 -4.33 0.70
CA SER A 82 12.34 -4.00 0.96
C SER A 82 13.22 -5.11 0.39
N ILE A 83 14.50 -4.81 0.35
CA ILE A 83 15.52 -5.68 -0.21
C ILE A 83 16.60 -5.88 0.84
N LEU A 84 16.96 -7.12 1.07
CA LEU A 84 18.14 -7.45 1.83
C LEU A 84 19.27 -7.71 0.84
N GLU A 85 20.27 -6.83 0.84
CA GLU A 85 21.43 -6.95 -0.07
C GLU A 85 22.45 -7.91 0.54
N VAL A 86 22.36 -9.20 0.18
CA VAL A 86 23.08 -10.23 0.92
C VAL A 86 24.56 -10.29 0.52
N ARG A 87 24.90 -10.06 -0.75
CA ARG A 87 26.33 -10.04 -1.08
C ARG A 87 27.03 -8.90 -0.36
N GLY A 88 26.38 -7.74 -0.28
CA GLY A 88 26.91 -6.67 0.55
C GLY A 88 27.10 -7.11 1.99
N LEU A 89 26.15 -7.88 2.51
CA LEU A 89 26.22 -8.32 3.90
C LEU A 89 27.40 -9.25 4.15
N ASP A 90 27.70 -10.17 3.21
CA ASP A 90 28.94 -10.96 3.30
C ASP A 90 30.14 -10.05 3.49
N GLU A 91 30.29 -9.09 2.59
CA GLU A 91 31.44 -8.20 2.64
C GLU A 91 31.57 -7.55 4.00
N ASP A 92 30.45 -7.07 4.57
CA ASP A 92 30.50 -6.45 5.88
C ASP A 92 30.97 -7.44 6.94
N ILE A 93 30.60 -8.72 6.81
CA ILE A 93 31.05 -9.72 7.76
C ILE A 93 32.55 -9.96 7.61
N SER A 94 33.07 -10.04 6.38
CA SER A 94 34.51 -10.11 6.16
C SER A 94 35.22 -8.91 6.78
N GLN A 95 34.67 -7.72 6.59
CA GLN A 95 35.29 -6.55 7.20
C GLN A 95 35.31 -6.68 8.72
N LEU A 96 34.25 -7.24 9.28
CA LEU A 96 34.22 -7.50 10.72
C LEU A 96 35.22 -8.58 11.10
N ALA A 97 35.33 -9.63 10.28
CA ALA A 97 36.28 -10.71 10.56
C ALA A 97 37.72 -10.20 10.54
N ARG A 98 38.05 -9.30 9.61
CA ARG A 98 39.38 -8.71 9.59
C ARG A 98 39.65 -7.89 10.84
N THR A 100 39.73 -7.21 14.58
N THR A 100 38.58 -9.06 13.65
CA THR A 100 40.05 -8.26 15.52
CA THR A 100 38.26 -10.07 14.67
C THR A 100 39.43 -7.96 16.88
C THR A 100 39.08 -11.36 14.52
N LEU A 101 38.11 -7.79 16.89
N LEU A 101 40.03 -11.41 13.59
CA LEU A 101 37.38 -7.41 18.09
CA LEU A 101 40.82 -12.62 13.35
C LEU A 101 37.27 -8.59 19.04
C LEU A 101 41.45 -13.18 14.62
N HIS A 102 37.68 -8.38 20.30
N HIS A 102 41.71 -12.34 15.62
CA HIS A 102 37.62 -9.45 21.28
CA HIS A 102 42.44 -12.77 16.80
C HIS A 102 36.19 -9.95 21.47
C HIS A 102 41.58 -12.72 18.06
N GLU A 103 35.21 -9.05 21.46
N GLU A 103 40.26 -12.81 17.92
CA GLU A 103 33.82 -9.38 21.76
CA GLU A 103 39.36 -12.79 19.05
C GLU A 103 33.03 -9.89 20.57
C GLU A 103 38.57 -14.10 19.11
N VAL A 104 33.55 -9.73 19.35
N VAL A 104 37.87 -14.28 20.24
CA VAL A 104 33.00 -10.36 18.17
CA VAL A 104 37.20 -15.54 20.54
C VAL A 104 34.03 -11.36 17.67
C VAL A 104 36.16 -15.87 19.47
N GLY A 105 34.00 -12.57 18.24
N GLY A 105 35.17 -14.99 19.33
CA GLY A 105 34.98 -13.60 17.94
CA GLY A 105 34.01 -15.27 18.50
C GLY A 105 35.01 -14.03 16.49
C GLY A 105 34.22 -15.16 17.00
N LEU A 106 35.92 -14.94 16.15
N LEU A 106 35.47 -15.13 16.54
CA LEU A 106 36.08 -15.32 14.75
CA LEU A 106 35.71 -15.20 15.10
C LEU A 106 35.28 -16.57 14.38
C LEU A 106 35.12 -16.47 14.52
N GLU A 107 35.24 -17.58 15.25
CA GLU A 107 34.58 -18.82 14.88
C GLU A 107 33.09 -18.62 14.68
N GLY A 108 32.42 -18.03 15.67
CA GLY A 108 30.99 -17.79 15.55
C GLY A 108 30.65 -16.87 14.40
N LEU A 109 31.50 -15.88 14.16
CA LEU A 109 31.30 -15.01 13.01
C LEU A 109 31.43 -15.78 11.70
N LEU A 110 32.26 -16.82 11.67
CA LEU A 110 32.46 -17.61 10.46
C LEU A 110 31.30 -18.57 10.22
N LYS A 111 30.77 -19.12 11.31
CA LYS A 111 29.54 -19.92 11.26
C LYS A 111 28.38 -19.10 10.71
N PHE A 112 28.18 -17.92 11.28
CA PHE A 112 27.17 -17.00 10.77
C PHE A 112 27.37 -16.73 9.29
N ALA A 113 28.63 -16.51 8.87
CA ALA A 113 28.90 -16.28 7.46
C ALA A 113 28.66 -17.54 6.62
N LYS A 114 28.78 -18.74 7.22
CA LYS A 114 28.52 -19.95 6.44
C LYS A 114 27.05 -20.00 6.00
N SER A 115 26.13 -19.57 6.86
CA SER A 115 24.74 -19.46 6.44
C SER A 115 24.57 -18.38 5.37
N ILE A 116 24.95 -17.14 5.72
CA ILE A 116 24.73 -15.98 4.85
C ILE A 116 25.33 -16.22 3.46
N GLY A 117 26.48 -16.90 3.40
CA GLY A 117 27.21 -17.10 2.16
C GLY A 117 26.47 -17.89 1.09
N VAL A 118 25.40 -18.62 1.45
CA VAL A 118 24.66 -19.42 0.49
C VAL A 118 23.23 -18.95 0.27
N LEU A 119 22.73 -17.99 1.06
CA LEU A 119 21.47 -17.32 0.69
C LEU A 119 21.61 -16.78 -0.72
N PRO A 120 20.54 -16.82 -1.52
N PRO A 120 20.52 -16.46 -1.42
CA PRO A 120 20.62 -16.28 -2.87
CA PRO A 120 20.63 -15.65 -2.63
C PRO A 120 20.73 -14.78 -2.85
C PRO A 120 21.26 -14.30 -2.35
N GLY A 121 21.43 -14.24 -3.86
N GLY A 121 21.72 -13.64 -3.42
CA GLY A 121 21.65 -12.81 -3.95
CA GLY A 121 22.45 -12.38 -3.27
C GLY A 121 20.40 -11.98 -4.15
C GLY A 121 21.60 -11.23 -2.79
N GLU A 122 19.30 -12.61 -4.57
N GLU A 122 20.29 -11.26 -3.07
CA GLU A 122 18.04 -11.91 -4.84
CA GLU A 122 19.34 -10.36 -2.45
C GLU A 122 17.04 -12.18 -3.70
C GLU A 122 18.10 -11.17 -2.12
N VAL A 123 16.95 -11.25 -2.75
N VAL A 123 17.36 -10.69 -1.11
CA VAL A 123 16.12 -11.37 -1.56
CA VAL A 123 16.09 -11.27 -0.70
C VAL A 123 15.22 -10.14 -1.45
C VAL A 123 15.06 -10.15 -0.71
N THR A 124 13.91 -10.37 -1.38
CA THR A 124 12.87 -9.34 -1.37
C THR A 124 11.92 -9.64 -0.21
N LEU A 125 11.52 -8.60 0.52
CA LEU A 125 10.65 -8.78 1.68
C LEU A 125 9.46 -7.84 1.49
N ILE A 126 8.27 -8.42 1.62
CA ILE A 126 7.02 -7.70 1.51
C ILE A 126 6.32 -7.84 2.86
N GLY A 127 6.23 -6.74 3.60
CA GLY A 127 5.56 -6.73 4.89
C GLY A 127 4.22 -6.03 4.75
N CYS A 128 3.28 -6.44 5.60
CA CYS A 128 1.93 -5.89 5.66
C CYS A 128 1.65 -5.37 7.07
N ILE A 129 1.20 -4.13 7.18
CA ILE A 129 0.83 -3.60 8.49
C ILE A 129 -0.48 -4.25 8.90
N PRO A 130 -0.54 -4.93 10.05
CA PRO A 130 -1.79 -5.59 10.46
C PRO A 130 -2.80 -4.60 11.02
N ARG A 131 -4.03 -5.08 11.11
CA ARG A 131 -4.98 -4.39 11.95
C ARG A 131 -4.95 -4.98 13.34
N SER A 132 -5.03 -6.31 13.41
CA SER A 132 -5.08 -6.96 14.71
C SER A 132 -4.35 -8.30 14.64
N LEU A 133 -3.58 -8.56 15.69
CA LEU A 133 -2.85 -9.81 15.89
C LEU A 133 -3.49 -10.64 16.99
N LYS A 134 -4.64 -10.22 17.49
CA LYS A 134 -5.35 -11.01 18.46
C LYS A 134 -5.67 -12.38 17.88
N PRO A 135 -5.74 -13.42 18.71
CA PRO A 135 -6.10 -14.75 18.22
C PRO A 135 -7.38 -14.74 17.39
N SER A 136 -7.31 -15.41 16.24
CA SER A 136 -8.33 -15.37 15.19
C SER A 136 -7.87 -16.20 14.00
N LEU A 137 -8.79 -16.96 13.41
CA LEU A 137 -8.59 -17.67 12.16
C LEU A 137 -8.72 -16.76 10.95
N GLU A 138 -9.15 -15.51 11.14
CA GLU A 138 -9.56 -14.66 10.04
C GLU A 138 -8.64 -13.44 9.91
N LEU A 139 -8.56 -12.93 8.68
CA LEU A 139 -7.91 -11.66 8.43
C LEU A 139 -8.94 -10.54 8.54
N SER A 140 -8.47 -9.39 8.99
CA SER A 140 -9.24 -8.16 8.88
C SER A 140 -9.54 -7.85 7.41
N GLU A 141 -10.57 -7.05 7.22
CA GLU A 141 -10.93 -6.53 5.92
C GLU A 141 -9.71 -5.94 5.19
N GLU A 142 -8.91 -5.14 5.91
CA GLU A 142 -7.77 -4.47 5.28
C GLU A 142 -6.71 -5.46 4.83
N VAL A 143 -6.38 -6.42 5.69
CA VAL A 143 -5.25 -7.27 5.36
C VAL A 143 -5.65 -8.31 4.33
N GLU A 144 -6.90 -8.74 4.37
CA GLU A 144 -7.42 -9.53 3.27
C GLU A 144 -7.26 -8.81 1.94
N ALA A 145 -7.64 -7.52 1.89
CA ALA A 145 -7.48 -6.81 0.63
C ALA A 145 -6.01 -6.68 0.27
N ALA A 146 -5.15 -6.61 1.28
CA ALA A 146 -3.73 -6.45 1.02
C ALA A 146 -3.13 -7.71 0.44
N THR A 147 -3.73 -8.88 0.73
CA THR A 147 -3.22 -10.12 0.14
C THR A 147 -3.28 -10.05 -1.39
N HIS A 148 -4.35 -9.46 -1.93
CA HIS A 148 -4.46 -9.38 -3.39
C HIS A 148 -3.43 -8.40 -3.94
N ALA A 149 -3.18 -7.31 -3.23
CA ALA A 149 -2.14 -6.36 -3.64
C ALA A 149 -0.76 -7.02 -3.57
N ALA A 150 -0.50 -7.79 -2.52
CA ALA A 150 0.77 -8.45 -2.41
C ALA A 150 0.95 -9.44 -3.55
N VAL A 151 -0.13 -10.11 -3.95
CA VAL A 151 -0.06 -11.04 -5.08
C VAL A 151 0.46 -10.31 -6.32
N ASP A 152 -0.08 -9.12 -6.60
CA ASP A 152 0.41 -8.33 -7.71
C ASP A 152 1.89 -7.99 -7.56
N LEU A 153 2.32 -7.62 -6.35
CA LEU A 153 3.73 -7.29 -6.16
C LEU A 153 4.60 -8.50 -6.43
N VAL A 154 4.17 -9.67 -5.96
CA VAL A 154 4.86 -10.91 -6.25
C VAL A 154 4.92 -11.17 -7.75
N LEU A 155 3.79 -11.04 -8.43
CA LEU A 155 3.80 -11.35 -9.87
C LEU A 155 4.66 -10.35 -10.63
N GLU A 156 4.68 -9.07 -10.22
CA GLU A 156 5.49 -8.10 -10.93
C GLU A 156 6.96 -8.37 -10.71
N ALA A 157 7.34 -8.67 -9.46
CA ALA A 157 8.72 -8.99 -9.13
C ALA A 157 9.25 -10.13 -9.99
N LEU A 158 8.39 -11.06 -10.36
CA LEU A 158 8.77 -12.25 -11.12
C LEU A 158 8.54 -12.10 -12.61
N GLY A 159 7.99 -10.98 -13.07
CA GLY A 159 7.72 -10.84 -14.48
C GLY A 159 6.49 -11.57 -14.98
N LEU A 160 5.60 -12.00 -14.08
CA LEU A 160 4.43 -12.80 -14.42
C LEU A 160 3.14 -12.00 -14.48
N GLU A 161 3.20 -10.68 -14.28
CA GLU A 161 1.99 -9.85 -14.26
C GLU A 161 1.47 -9.65 -15.68
N LYS B 8 -10.89 25.16 -20.98
CA LYS B 8 -12.25 25.10 -20.46
C LYS B 8 -13.09 24.07 -21.24
N ARG B 9 -12.68 22.80 -21.15
CA ARG B 9 -13.46 21.69 -21.71
C ARG B 9 -13.12 20.41 -20.95
N VAL B 10 -11.84 20.22 -20.64
CA VAL B 10 -11.40 19.13 -19.76
C VAL B 10 -10.78 19.76 -18.52
N LEU B 11 -11.14 19.24 -17.35
CA LEU B 11 -10.59 19.68 -16.06
C LEU B 11 -9.75 18.57 -15.47
N VAL B 12 -8.47 18.85 -15.24
CA VAL B 12 -7.60 17.97 -14.48
C VAL B 12 -7.36 18.62 -13.13
N ALA B 13 -7.89 18.01 -12.08
CA ALA B 13 -7.93 18.60 -10.74
C ALA B 13 -7.02 17.82 -9.80
N GLY B 14 -6.02 18.51 -9.24
CA GLY B 14 -5.20 17.93 -8.17
C GLY B 14 -5.75 18.36 -6.82
N VAL B 15 -6.00 17.37 -5.96
CA VAL B 15 -6.71 17.57 -4.70
C VAL B 15 -5.81 17.07 -3.56
N GLY B 16 -5.50 17.94 -2.61
CA GLY B 16 -4.75 17.56 -1.43
C GLY B 16 -4.00 18.74 -0.84
N ASN B 17 -3.40 18.46 0.32
CA ASN B 17 -2.63 19.44 1.10
C ASN B 17 -1.15 19.24 0.81
N ARG B 18 -0.53 20.22 0.13
CA ARG B 18 0.90 20.18 -0.11
C ARG B 18 1.72 20.21 1.17
N LEU B 19 1.12 20.66 2.27
CA LEU B 19 1.84 20.67 3.53
C LEU B 19 1.77 19.33 4.24
N GLY B 21 2.89 16.09 3.23
CA GLY B 21 3.67 14.99 2.68
C GLY B 21 3.08 14.48 1.38
N ASP B 22 2.85 13.17 1.31
CA ASP B 22 2.38 12.56 0.09
C ASP B 22 0.94 12.96 -0.27
N ASP B 23 0.22 13.67 0.59
CA ASP B 23 -1.06 14.27 0.18
C ASP B 23 -0.88 15.37 -0.86
N GLY B 24 0.34 15.85 -1.08
CA GLY B 24 0.54 16.75 -2.19
C GLY B 24 0.64 16.07 -3.54
N PHE B 25 0.41 14.75 -3.61
CA PHE B 25 0.51 14.02 -4.87
C PHE B 25 -0.27 14.70 -5.99
N GLY B 26 -1.57 14.93 -5.77
CA GLY B 26 -2.43 15.45 -6.83
C GLY B 26 -1.94 16.79 -7.36
N PRO B 27 -1.80 17.77 -6.46
CA PRO B 27 -1.24 19.06 -6.87
C PRO B 27 0.12 18.94 -7.57
N ARG B 28 0.99 18.01 -7.13
CA ARG B 28 2.27 17.91 -7.80
C ARG B 28 2.13 17.32 -9.19
N VAL B 29 1.09 16.52 -9.44
CA VAL B 29 0.83 16.09 -10.82
C VAL B 29 0.35 17.26 -11.65
N VAL B 30 -0.37 18.20 -11.04
CA VAL B 30 -0.79 19.39 -11.78
C VAL B 30 0.41 20.24 -12.13
N ASP B 31 1.37 20.41 -11.20
CA ASP B 31 2.60 21.14 -11.51
C ASP B 31 3.29 20.57 -12.75
N LEU B 32 3.39 19.24 -12.84
CA LEU B 32 4.02 18.62 -14.02
C LEU B 32 3.20 18.87 -15.28
N LEU B 33 1.89 18.78 -15.20
CA LEU B 33 1.06 18.98 -16.38
C LEU B 33 1.13 20.42 -16.84
N SER B 34 1.27 21.35 -15.90
CA SER B 34 1.42 22.76 -16.27
C SER B 34 2.69 23.01 -17.07
N SER B 35 3.71 22.18 -16.87
CA SER B 35 4.97 22.34 -17.59
C SER B 35 4.93 21.78 -18.99
N SER B 37 2.91 21.02 -22.90
CA SER B 37 2.18 21.83 -23.86
C SER B 37 0.86 21.14 -24.14
N LEU B 38 -0.03 21.22 -23.18
CA LEU B 38 -1.32 20.62 -23.41
C LEU B 38 -2.17 21.54 -24.27
N PRO B 39 -3.12 20.97 -25.02
CA PRO B 39 -4.05 21.82 -25.76
C PRO B 39 -4.75 22.81 -24.84
N ASP B 40 -5.28 23.88 -25.45
CA ASP B 40 -5.92 24.95 -24.71
C ASP B 40 -7.20 24.51 -24.01
N TYR B 41 -7.83 23.43 -24.47
CA TYR B 41 -9.07 23.01 -23.83
C TYR B 41 -8.83 22.30 -22.51
N VAL B 42 -7.58 22.02 -22.14
CA VAL B 42 -7.25 21.36 -20.88
C VAL B 42 -6.93 22.42 -19.85
N ASP B 43 -7.60 22.35 -18.71
CA ASP B 43 -7.28 23.19 -17.56
C ASP B 43 -6.74 22.24 -16.50
N ALA B 44 -5.45 22.37 -16.22
CA ALA B 44 -4.83 21.65 -15.13
C ALA B 44 -4.82 22.59 -13.93
N ARG B 45 -5.50 22.20 -12.86
CA ARG B 45 -5.76 23.14 -11.78
C ARG B 45 -5.49 22.47 -10.44
N ASP B 46 -4.72 23.17 -9.61
CA ASP B 46 -4.40 22.72 -8.26
C ASP B 46 -5.48 23.30 -7.35
N ILE B 47 -6.43 22.47 -6.92
CA ILE B 47 -7.48 22.97 -6.05
C ILE B 47 -7.18 22.71 -4.59
N GLY B 48 -6.06 22.05 -4.28
CA GLY B 48 -5.58 21.95 -2.92
C GLY B 48 -6.61 21.31 -2.02
N THR B 49 -6.90 22.00 -0.92
CA THR B 49 -7.93 21.63 0.02
C THR B 49 -9.16 22.52 -0.06
N ALA B 50 -9.21 23.46 -1.00
CA ALA B 50 -10.33 24.40 -1.04
C ALA B 50 -11.57 23.89 -1.78
N GLY B 51 -11.49 22.76 -2.48
CA GLY B 51 -12.63 22.20 -3.19
C GLY B 51 -13.02 23.03 -4.40
N ILE B 52 -14.01 22.55 -5.13
CA ILE B 52 -14.43 23.24 -6.34
C ILE B 52 -15.93 23.43 -6.32
N THR B 53 -16.38 24.62 -6.72
CA THR B 53 -17.80 24.88 -6.87
C THR B 53 -18.33 24.23 -8.15
N VAL B 54 -19.45 23.51 -8.03
CA VAL B 54 -20.05 22.86 -9.19
C VAL B 54 -20.71 23.89 -10.10
N ALA B 55 -21.62 24.69 -9.54
CA ALA B 55 -22.29 25.72 -10.34
C ALA B 55 -21.30 26.80 -10.77
N THR B 56 -21.31 27.10 -12.08
CA THR B 56 -20.51 28.16 -12.71
C THR B 56 -19.00 27.91 -12.59
N ASP B 57 -18.58 26.65 -12.45
CA ASP B 57 -17.17 26.30 -12.56
C ASP B 57 -17.07 24.89 -13.13
N LEU B 58 -17.35 23.89 -12.29
CA LEU B 58 -17.27 22.50 -12.72
C LEU B 58 -18.26 22.18 -13.82
N GLU B 59 -19.39 22.91 -13.85
CA GLU B 59 -20.39 22.76 -14.91
C GLU B 59 -19.81 22.98 -16.30
N ASP B 60 -18.77 23.82 -16.41
CA ASP B 60 -18.30 24.27 -17.70
C ASP B 60 -17.44 23.23 -18.42
N TYR B 61 -17.15 22.11 -17.77
CA TYR B 61 -16.27 21.11 -18.36
C TYR B 61 -17.07 19.95 -18.89
N GLU B 62 -16.65 19.42 -20.04
CA GLU B 62 -17.24 18.20 -20.56
C GLU B 62 -16.71 16.98 -19.86
N LYS B 63 -15.57 17.11 -19.19
CA LYS B 63 -14.83 15.95 -18.72
C LYS B 63 -13.92 16.39 -17.58
N VAL B 64 -13.82 15.55 -16.56
CA VAL B 64 -12.97 15.88 -15.43
C VAL B 64 -12.19 14.64 -15.02
N ILE B 65 -10.92 14.86 -14.65
CA ILE B 65 -10.06 13.86 -14.04
C ILE B 65 -9.62 14.42 -12.68
N PHE B 66 -9.92 13.68 -11.61
CA PHE B 66 -9.52 14.03 -10.25
C PHE B 66 -8.33 13.18 -9.83
N LEU B 67 -7.31 13.81 -9.25
CA LEU B 67 -6.12 13.16 -8.72
C LEU B 67 -5.99 13.44 -7.24
N ASP B 68 -5.84 12.40 -6.43
CA ASP B 68 -5.74 12.58 -4.99
C ASP B 68 -4.98 11.41 -4.39
N SER B 69 -4.84 11.46 -3.07
CA SER B 69 -4.24 10.36 -2.32
C SER B 69 -5.35 9.63 -1.54
N VAL B 70 -5.30 8.29 -1.55
CA VAL B 70 -6.37 7.44 -1.04
C VAL B 70 -5.83 6.43 -0.03
N GLU B 71 -6.64 6.14 1.00
CA GLU B 71 -6.31 5.10 1.98
C GLU B 71 -6.78 3.76 1.43
N LEU B 72 -6.02 3.24 0.48
CA LEU B 72 -6.26 1.93 -0.12
C LEU B 72 -5.12 0.99 0.29
N GLU B 73 -5.45 -0.28 0.42
CA GLU B 73 -4.43 -1.25 0.83
C GLU B 73 -3.48 -1.51 -0.33
N GLY B 74 -2.19 -1.57 -0.01
CA GLY B 74 -1.17 -1.77 -1.02
C GLY B 74 0.07 -0.92 -0.73
N PRO B 75 1.00 -0.88 -1.67
CA PRO B 75 2.26 -0.22 -1.44
C PRO B 75 2.18 1.24 -1.81
N PRO B 76 2.99 2.09 -1.18
CA PRO B 76 3.01 3.51 -1.57
C PRO B 76 3.32 3.66 -3.05
N GLY B 77 2.69 4.66 -3.65
CA GLY B 77 2.91 4.95 -5.05
C GLY B 77 2.03 4.18 -6.00
N ARG B 78 1.35 3.13 -5.54
CA ARG B 78 0.43 2.43 -6.42
C ARG B 78 -0.75 3.32 -6.79
N LEU B 79 -1.04 3.37 -8.09
CA LEU B 79 -2.11 4.19 -8.66
C LEU B 79 -3.34 3.32 -8.89
N SER B 80 -4.50 3.93 -8.72
CA SER B 80 -5.76 3.23 -8.96
C SER B 80 -6.66 4.19 -9.70
N LYS B 81 -7.21 3.72 -10.81
CA LYS B 81 -8.05 4.51 -11.68
C LYS B 81 -9.49 4.01 -11.50
N SER B 82 -10.42 4.94 -11.39
CA SER B 82 -11.81 4.55 -11.27
C SER B 82 -12.69 5.61 -11.92
N ILE B 83 -13.95 5.24 -12.13
CA ILE B 83 -14.93 6.08 -12.81
C ILE B 83 -16.11 6.32 -11.87
N LEU B 84 -16.72 7.49 -12.00
CA LEU B 84 -18.04 7.76 -11.43
C LEU B 84 -19.00 7.93 -12.60
N GLU B 85 -19.94 6.99 -12.73
CA GLU B 85 -20.95 7.05 -13.79
C GLU B 85 -22.09 7.95 -13.33
N VAL B 86 -22.04 9.21 -13.76
CA VAL B 86 -22.91 10.24 -13.21
C VAL B 86 -24.36 10.04 -13.66
N ARG B 87 -24.55 9.59 -14.91
CA ARG B 87 -25.91 9.33 -15.39
C ARG B 87 -26.59 8.25 -14.56
N GLY B 88 -25.88 7.15 -14.28
CA GLY B 88 -26.42 6.14 -13.39
C GLY B 88 -26.79 6.71 -12.04
N LEU B 89 -26.02 7.67 -11.57
CA LEU B 89 -26.27 8.27 -10.25
C LEU B 89 -27.56 9.08 -10.26
N ASP B 90 -27.81 9.85 -11.33
CA ASP B 90 -29.07 10.58 -11.43
C ASP B 90 -30.26 9.63 -11.36
N GLU B 91 -30.19 8.52 -12.10
CA GLU B 91 -31.30 7.58 -12.13
C GLU B 91 -31.56 6.99 -10.75
N ASP B 92 -30.48 6.62 -10.03
CA ASP B 92 -30.64 6.07 -8.69
C ASP B 92 -31.30 7.08 -7.75
N ILE B 93 -30.88 8.35 -7.84
CA ILE B 93 -31.47 9.38 -6.98
C ILE B 93 -32.95 9.54 -7.27
N SER B 94 -33.32 9.53 -8.57
CA SER B 94 -34.71 9.62 -8.97
C SER B 94 -35.54 8.47 -8.42
N GLN B 95 -34.99 7.25 -8.43
CA GLN B 95 -35.72 6.14 -7.85
C GLN B 95 -35.91 6.35 -6.35
N LEU B 96 -34.83 6.76 -5.67
CA LEU B 96 -34.91 7.06 -4.25
C LEU B 96 -35.95 8.13 -3.97
N ALA B 97 -35.94 9.22 -4.74
CA ALA B 97 -36.94 10.27 -4.60
C ALA B 97 -38.34 9.69 -4.60
N ARG B 98 -38.65 8.85 -5.58
CA ARG B 98 -40.00 8.29 -5.68
C ARG B 98 -40.40 7.55 -4.41
N THR B 100 -39.28 8.60 -1.49
N THR B 100 -40.93 7.39 -0.72
CA THR B 100 -39.05 9.60 -0.45
CA THR B 100 -41.25 8.46 0.20
C THR B 100 -39.91 10.85 -0.64
C THR B 100 -40.66 8.21 1.58
N LEU B 101 -40.87 10.80 -1.58
N LEU B 101 -39.32 8.14 1.62
CA LEU B 101 -41.74 11.94 -1.91
CA LEU B 101 -38.59 7.88 2.84
C LEU B 101 -42.43 12.53 -0.69
C LEU B 101 -38.58 9.13 3.70
N HIS B 102 -42.76 11.71 0.29
N HIS B 102 -39.29 9.07 4.83
CA HIS B 102 -43.57 12.16 1.43
CA HIS B 102 -39.26 10.19 5.78
C HIS B 102 -42.80 12.11 2.73
C HIS B 102 -37.84 10.56 6.14
N GLU B 103 -41.48 12.18 2.67
N GLU B 103 -36.98 9.55 6.34
CA GLU B 103 -40.62 12.23 3.84
CA GLU B 103 -35.61 9.79 6.79
C GLU B 103 -39.94 13.57 3.94
C GLU B 103 -34.72 10.30 5.67
N VAL B 104 -39.39 13.85 5.13
N VAL B 104 -34.97 9.88 4.43
CA VAL B 104 -38.82 15.16 5.41
CA VAL B 104 -34.21 10.40 3.30
C VAL B 104 -37.69 15.47 4.46
C VAL B 104 -35.00 11.61 2.77
N GLY B 105 -36.67 14.62 4.45
N GLY B 105 -34.92 12.71 3.52
CA GLY B 105 -35.44 14.89 3.73
CA GLY B 105 -35.67 13.93 3.24
C GLY B 105 -35.48 14.77 2.22
C GLY B 105 -35.68 14.35 1.79
N LEU B 106 -36.67 14.77 1.63
N LEU B 106 -36.89 14.58 1.25
CA LEU B 106 -36.77 14.77 0.17
CA LEU B 106 -37.02 14.83 -0.18
C LEU B 106 -36.09 16.00 -0.42
C LEU B 106 -36.26 16.07 -0.61
N GLU B 107 -36.39 17.17 0.15
CA GLU B 107 -35.79 18.42 -0.30
C GLU B 107 -34.27 18.33 -0.36
N GLY B 108 -33.65 17.97 0.77
CA GLY B 108 -32.20 17.78 0.77
C GLY B 108 -31.72 16.85 -0.32
N LEU B 109 -32.53 15.85 -0.66
CA LEU B 109 -32.18 14.95 -1.75
C LEU B 109 -32.23 15.65 -3.11
N LEU B 110 -33.15 16.60 -3.28
CA LEU B 110 -33.27 17.29 -4.56
C LEU B 110 -32.21 18.37 -4.73
N LYS B 111 -31.77 18.99 -3.63
CA LYS B 111 -30.57 19.84 -3.69
C LYS B 111 -29.39 19.03 -4.20
N PHE B 112 -29.21 17.84 -3.63
CA PHE B 112 -28.21 16.87 -4.08
C PHE B 112 -28.29 16.65 -5.59
N ALA B 113 -29.47 16.27 -6.08
CA ALA B 113 -29.63 15.94 -7.49
C ALA B 113 -29.30 17.11 -8.40
N LYS B 114 -29.72 18.32 -8.03
CA LYS B 114 -29.45 19.50 -8.85
C LYS B 114 -27.94 19.70 -9.07
N SER B 115 -27.12 19.42 -8.05
CA SER B 115 -25.69 19.61 -8.23
C SER B 115 -25.08 18.50 -9.09
N ILE B 116 -25.60 17.28 -8.95
CA ILE B 116 -25.07 16.15 -9.70
C ILE B 116 -25.50 16.20 -11.15
N GLY B 117 -26.74 16.62 -11.41
CA GLY B 117 -27.28 16.74 -12.76
C GLY B 117 -26.44 17.58 -13.71
N VAL B 118 -25.56 18.42 -13.19
CA VAL B 118 -24.74 19.29 -14.02
C VAL B 118 -23.27 18.88 -14.00
N LEU B 119 -22.91 17.88 -13.21
CA LEU B 119 -21.55 17.35 -13.23
C LEU B 119 -21.20 16.88 -14.64
N PRO B 120 -19.93 16.94 -15.01
CA PRO B 120 -19.53 16.49 -16.34
C PRO B 120 -19.97 15.05 -16.60
N GLY B 121 -20.28 14.76 -17.87
CA GLY B 121 -20.68 13.42 -18.26
C GLY B 121 -19.59 12.37 -18.11
N GLU B 122 -18.33 12.79 -18.00
CA GLU B 122 -17.22 11.85 -17.79
C GLU B 122 -16.46 12.28 -16.55
N VAL B 123 -16.35 11.39 -15.57
CA VAL B 123 -15.68 11.71 -14.32
C VAL B 123 -14.72 10.56 -13.97
N THR B 124 -13.42 10.83 -13.99
CA THR B 124 -12.38 9.84 -13.73
C THR B 124 -11.53 10.24 -12.52
N LEU B 125 -11.27 9.30 -11.63
CA LEU B 125 -10.49 9.56 -10.41
C LEU B 125 -9.25 8.68 -10.41
N ILE B 126 -8.10 9.31 -10.13
CA ILE B 126 -6.82 8.62 -10.03
C ILE B 126 -6.28 8.81 -8.62
N GLY B 127 -6.15 7.71 -7.90
CA GLY B 127 -5.71 7.73 -6.51
C GLY B 127 -4.32 7.15 -6.36
N CYS B 128 -3.55 7.73 -5.45
CA CYS B 128 -2.21 7.28 -5.14
C CYS B 128 -2.15 6.89 -3.67
N ILE B 129 -1.64 5.70 -3.39
CA ILE B 129 -1.41 5.30 -2.02
C ILE B 129 -0.18 6.04 -1.47
N PRO B 130 -0.34 6.77 -0.38
CA PRO B 130 0.79 7.51 0.19
C PRO B 130 1.76 6.59 0.93
N ARG B 131 2.97 7.10 1.12
CA ARG B 131 3.80 6.51 2.14
C ARG B 131 3.60 7.19 3.48
N SER B 132 3.50 8.51 3.50
CA SER B 132 3.33 9.19 4.77
C SER B 132 2.54 10.47 4.54
N LEU B 133 1.66 10.78 5.48
CA LEU B 133 0.79 11.94 5.41
C LEU B 133 1.12 12.96 6.49
N LYS B 134 2.24 12.79 7.19
CA LYS B 134 2.63 13.70 8.25
C LYS B 134 3.06 15.03 7.65
N PRO B 135 2.98 16.11 8.45
CA PRO B 135 3.44 17.41 7.95
C PRO B 135 4.78 17.31 7.26
N SER B 136 4.86 17.83 6.03
CA SER B 136 6.07 17.80 5.23
C SER B 136 5.83 18.50 3.91
N LEU B 137 6.86 19.23 3.43
CA LEU B 137 6.85 19.89 2.14
C LEU B 137 7.17 18.96 0.98
N GLU B 138 7.58 17.72 1.25
CA GLU B 138 8.16 16.85 0.25
C GLU B 138 7.31 15.60 0.06
N LEU B 139 7.38 15.07 -1.16
CA LEU B 139 6.87 13.75 -1.46
C LEU B 139 7.90 12.72 -1.02
N SER B 140 7.41 11.55 -0.60
CA SER B 140 8.28 10.38 -0.56
C SER B 140 8.79 10.07 -1.97
N GLU B 141 9.80 9.20 -2.02
CA GLU B 141 10.31 8.77 -3.32
C GLU B 141 9.24 8.02 -4.12
N GLU B 142 8.54 7.09 -3.47
CA GLU B 142 7.53 6.29 -4.15
C GLU B 142 6.46 7.18 -4.77
N VAL B 143 5.98 8.16 -4.01
CA VAL B 143 4.91 9.01 -4.50
C VAL B 143 5.47 10.04 -5.49
N GLU B 144 6.73 10.43 -5.35
CA GLU B 144 7.34 11.24 -6.40
C GLU B 144 7.42 10.48 -7.71
N ALA B 145 7.83 9.20 -7.67
CA ALA B 145 7.80 8.39 -8.88
C ALA B 145 6.37 8.27 -9.41
N ALA B 146 5.39 8.15 -8.51
CA ALA B 146 4.01 7.99 -8.92
C ALA B 146 3.49 9.23 -9.63
N THR B 147 4.02 10.43 -9.32
CA THR B 147 3.56 11.60 -10.07
C THR B 147 3.79 11.41 -11.57
N HIS B 148 4.94 10.87 -11.97
CA HIS B 148 5.22 10.72 -13.40
C HIS B 148 4.37 9.62 -14.02
N ALA B 149 4.14 8.52 -13.29
CA ALA B 149 3.28 7.47 -13.80
C ALA B 149 1.85 7.98 -14.01
N ALA B 150 1.46 8.97 -13.22
CA ALA B 150 0.10 9.49 -13.24
C ALA B 150 -0.10 10.49 -14.36
N VAL B 151 0.94 11.26 -14.67
CA VAL B 151 0.94 12.03 -15.91
C VAL B 151 0.58 11.13 -17.09
N ASP B 152 1.25 9.98 -17.22
CA ASP B 152 0.97 9.10 -18.35
C ASP B 152 -0.47 8.61 -18.33
N LEU B 153 -1.00 8.29 -17.14
CA LEU B 153 -2.41 7.92 -17.06
C LEU B 153 -3.30 9.05 -17.51
N VAL B 154 -2.97 10.28 -17.08
CA VAL B 154 -3.76 11.44 -17.46
C VAL B 154 -3.69 11.67 -18.97
N LEU B 155 -2.47 11.64 -19.52
CA LEU B 155 -2.29 11.84 -20.96
C LEU B 155 -3.03 10.79 -21.75
N GLU B 156 -3.03 9.55 -21.27
CA GLU B 156 -3.66 8.46 -22.00
C GLU B 156 -5.18 8.45 -21.82
N ALA B 157 -5.69 9.03 -20.74
CA ALA B 157 -7.13 9.25 -20.62
C ALA B 157 -7.59 10.41 -21.50
N LEU B 158 -6.66 11.27 -21.94
CA LEU B 158 -7.00 12.40 -22.79
C LEU B 158 -6.66 12.18 -24.25
N GLY B 159 -6.03 11.06 -24.57
CA GLY B 159 -5.54 10.83 -25.92
C GLY B 159 -4.43 11.76 -26.31
N LEU B 160 -3.51 12.07 -25.39
CA LEU B 160 -2.43 13.01 -25.66
C LEU B 160 -1.06 12.36 -25.51
N GLU B 161 -1.01 11.04 -25.41
CA GLU B 161 0.25 10.33 -25.20
C GLU B 161 0.98 10.12 -26.52
N LYS C 8 -43.09 -11.32 7.75
CA LYS C 8 -42.73 -10.07 7.09
C LYS C 8 -41.30 -10.14 6.54
N ARG C 9 -41.14 -10.80 5.38
CA ARG C 9 -39.87 -10.85 4.66
C ARG C 9 -39.83 -9.93 3.45
N VAL C 10 -40.97 -9.76 2.77
CA VAL C 10 -41.06 -8.98 1.54
C VAL C 10 -42.16 -7.94 1.71
N LEU C 11 -41.89 -6.72 1.23
CA LEU C 11 -42.85 -5.62 1.28
C LEU C 11 -43.29 -5.27 -0.14
N VAL C 12 -44.60 -5.17 -0.34
CA VAL C 12 -45.19 -4.64 -1.56
C VAL C 12 -45.92 -3.36 -1.18
N ALA C 13 -45.39 -2.23 -1.63
CA ALA C 13 -45.83 -0.92 -1.17
C ALA C 13 -46.55 -0.18 -2.29
N GLY C 14 -47.84 0.12 -2.07
CA GLY C 14 -48.58 0.98 -2.97
C GLY C 14 -48.48 2.43 -2.52
N VAL C 15 -48.10 3.29 -3.45
CA VAL C 15 -47.82 4.69 -3.15
C VAL C 15 -48.62 5.57 -4.09
N GLY C 16 -49.30 6.55 -3.54
CA GLY C 16 -50.08 7.47 -4.35
C GLY C 16 -51.32 7.94 -3.60
N ASN C 17 -51.97 8.95 -4.19
CA ASN C 17 -53.15 9.55 -3.61
C ASN C 17 -54.38 9.00 -4.34
N ARG C 18 -55.20 8.22 -3.62
CA ARG C 18 -56.40 7.65 -4.22
C ARG C 18 -57.37 8.71 -4.73
N LEU C 19 -57.28 9.94 -4.24
CA LEU C 19 -58.15 11.00 -4.72
C LEU C 19 -57.63 11.71 -5.97
N GLY C 21 -57.00 10.51 -9.07
CA GLY C 21 -57.20 9.69 -10.23
C GLY C 21 -56.16 8.61 -10.40
N ASP C 22 -55.40 8.66 -11.51
CA ASP C 22 -54.44 7.62 -11.84
C ASP C 22 -53.26 7.56 -10.87
N ASP C 23 -53.07 8.59 -10.03
CA ASP C 23 -52.13 8.45 -8.93
C ASP C 23 -52.56 7.40 -7.92
N GLY C 24 -53.81 6.91 -8.01
CA GLY C 24 -54.24 5.83 -7.16
C GLY C 24 -53.81 4.46 -7.63
N PHE C 25 -53.02 4.41 -8.70
CA PHE C 25 -52.57 3.15 -9.29
C PHE C 25 -52.01 2.20 -8.23
N GLY C 26 -50.96 2.65 -7.53
CA GLY C 26 -50.26 1.83 -6.57
C GLY C 26 -51.14 1.26 -5.46
N PRO C 27 -51.86 2.12 -4.74
CA PRO C 27 -52.83 1.58 -3.77
C PRO C 27 -53.80 0.58 -4.39
N ARG C 28 -54.25 0.85 -5.62
CA ARG C 28 -55.19 -0.06 -6.26
C ARG C 28 -54.53 -1.35 -6.70
N VAL C 29 -53.21 -1.39 -6.83
CA VAL C 29 -52.53 -2.66 -7.01
C VAL C 29 -52.51 -3.43 -5.68
N VAL C 30 -52.33 -2.71 -4.58
CA VAL C 30 -52.34 -3.33 -3.26
C VAL C 30 -53.71 -3.94 -2.98
N ASP C 31 -54.78 -3.24 -3.35
CA ASP C 31 -56.14 -3.76 -3.11
C ASP C 31 -56.33 -5.11 -3.77
N LEU C 32 -55.91 -5.25 -5.03
CA LEU C 32 -56.00 -6.54 -5.72
C LEU C 32 -55.19 -7.60 -5.00
N LEU C 33 -53.92 -7.31 -4.71
CA LEU C 33 -53.06 -8.30 -4.07
C LEU C 33 -53.55 -8.66 -2.67
N SER C 34 -54.14 -7.69 -1.96
CA SER C 34 -54.53 -7.93 -0.57
C SER C 34 -55.60 -9.02 -0.47
N SER C 35 -56.54 -9.03 -1.42
CA SER C 35 -57.58 -10.06 -1.40
C SER C 35 -57.02 -11.43 -1.72
N SER C 37 -54.84 -14.92 -2.05
CA SER C 37 -54.21 -15.83 -1.10
C SER C 37 -52.72 -15.91 -1.42
N LEU C 38 -51.99 -14.90 -0.94
CA LEU C 38 -50.54 -14.80 -1.09
C LEU C 38 -49.83 -15.39 0.12
N PRO C 39 -48.55 -15.76 -0.04
CA PRO C 39 -47.79 -16.27 1.12
C PRO C 39 -47.77 -15.29 2.28
N ASP C 40 -47.67 -15.84 3.49
CA ASP C 40 -47.83 -15.03 4.71
C ASP C 40 -46.67 -14.06 4.91
N TYR C 41 -45.46 -14.42 4.44
CA TYR C 41 -44.33 -13.52 4.62
C TYR C 41 -44.48 -12.24 3.80
N VAL C 42 -45.33 -12.24 2.78
CA VAL C 42 -45.56 -11.06 1.97
C VAL C 42 -46.58 -10.17 2.66
N ASP C 43 -46.28 -8.87 2.75
CA ASP C 43 -47.16 -7.88 3.37
C ASP C 43 -47.41 -6.78 2.35
N ALA C 44 -48.56 -6.82 1.67
CA ALA C 44 -48.96 -5.74 0.79
C ALA C 44 -49.52 -4.59 1.62
N ARG C 45 -49.10 -3.37 1.33
CA ARG C 45 -49.43 -2.22 2.15
C ARG C 45 -49.75 -1.01 1.27
N ASP C 46 -50.93 -0.43 1.49
CA ASP C 46 -51.28 0.85 0.90
C ASP C 46 -50.74 1.92 1.84
N ILE C 47 -49.60 2.50 1.48
CA ILE C 47 -49.04 3.54 2.34
C ILE C 47 -49.48 4.90 1.82
N GLY C 48 -50.37 4.90 0.82
CA GLY C 48 -50.92 6.11 0.23
C GLY C 48 -49.92 7.24 0.04
N THR C 49 -50.08 8.31 0.82
CA THR C 49 -49.18 9.44 0.79
C THR C 49 -48.42 9.59 2.10
N ALA C 50 -48.51 8.60 2.98
CA ALA C 50 -47.85 8.69 4.28
C ALA C 50 -46.33 8.60 4.14
N GLY C 51 -45.85 7.85 3.16
CA GLY C 51 -44.44 7.59 3.05
C GLY C 51 -44.01 6.50 4.02
N ILE C 52 -43.37 5.45 3.50
CA ILE C 52 -42.89 4.39 4.37
C ILE C 52 -41.80 4.94 5.29
N THR C 53 -41.79 4.51 6.54
CA THR C 53 -40.82 5.01 7.50
C THR C 53 -40.24 3.88 8.35
N ASP C 57 -39.74 -0.32 11.18
CA ASP C 57 -40.66 -0.43 10.06
C ASP C 57 -39.99 -1.08 8.85
N LEU C 58 -39.39 -0.24 8.01
CA LEU C 58 -38.87 -0.70 6.72
C LEU C 58 -37.66 -1.60 6.86
N GLU C 59 -36.92 -1.49 7.97
CA GLU C 59 -35.74 -2.32 8.18
C GLU C 59 -36.09 -3.79 8.27
N ASP C 60 -37.34 -4.12 8.59
CA ASP C 60 -37.75 -5.49 8.87
C ASP C 60 -37.85 -6.36 7.61
N TYR C 61 -37.82 -5.77 6.43
CA TYR C 61 -38.00 -6.53 5.20
C TYR C 61 -36.66 -6.81 4.53
N GLU C 62 -36.66 -7.81 3.65
CA GLU C 62 -35.48 -8.23 2.93
C GLU C 62 -35.48 -7.81 1.46
N LYS C 63 -36.65 -7.69 0.84
CA LYS C 63 -36.80 -7.18 -0.50
C LYS C 63 -38.06 -6.31 -0.56
N VAL C 64 -38.01 -5.24 -1.34
CA VAL C 64 -39.11 -4.31 -1.45
C VAL C 64 -39.49 -4.16 -2.92
N ILE C 65 -40.79 -4.16 -3.18
CA ILE C 65 -41.35 -3.89 -4.50
C ILE C 65 -42.22 -2.65 -4.38
N PHE C 66 -41.97 -1.67 -5.24
CA PHE C 66 -42.53 -0.34 -5.12
C PHE C 66 -43.45 -0.08 -6.30
N LEU C 67 -44.71 0.25 -6.01
CA LEU C 67 -45.70 0.56 -7.05
C LEU C 67 -46.14 2.01 -6.89
N ASP C 68 -45.84 2.83 -7.90
CA ASP C 68 -46.25 4.21 -7.91
C ASP C 68 -46.66 4.58 -9.33
N SER C 69 -47.16 5.80 -9.47
CA SER C 69 -47.41 6.38 -10.78
C SER C 69 -46.28 7.35 -11.09
N VAL C 70 -45.84 7.39 -12.34
CA VAL C 70 -44.64 8.13 -12.67
C VAL C 70 -44.78 8.84 -14.01
N GLU C 71 -44.11 10.00 -14.12
CA GLU C 71 -44.21 10.88 -15.28
C GLU C 71 -43.16 10.46 -16.32
N LEU C 72 -43.57 9.61 -17.25
CA LEU C 72 -42.75 9.24 -18.40
C LEU C 72 -43.48 9.61 -19.68
N GLU C 73 -42.74 9.56 -20.80
CA GLU C 73 -43.24 10.15 -22.03
C GLU C 73 -44.25 9.28 -22.77
N GLY C 74 -44.20 7.95 -22.57
CA GLY C 74 -44.96 7.04 -23.39
C GLY C 74 -46.48 7.10 -23.23
N PRO C 75 -47.16 6.03 -23.64
CA PRO C 75 -48.63 6.02 -23.59
C PRO C 75 -49.13 5.76 -22.18
N PRO C 76 -50.33 6.24 -21.85
CA PRO C 76 -50.92 5.89 -20.55
C PRO C 76 -51.08 4.39 -20.38
N GLY C 77 -50.91 3.93 -19.14
CA GLY C 77 -50.93 2.52 -18.84
C GLY C 77 -49.64 1.79 -19.08
N ARG C 78 -48.65 2.46 -19.69
CA ARG C 78 -47.32 1.86 -19.83
C ARG C 78 -46.68 1.71 -18.45
N LEU C 79 -46.02 0.58 -18.24
CA LEU C 79 -45.35 0.27 -16.99
C LEU C 79 -43.84 0.30 -17.19
N SER C 80 -43.13 0.78 -16.16
CA SER C 80 -41.67 0.77 -16.08
C SER C 80 -41.26 -0.03 -14.85
N LYS C 81 -40.55 -1.12 -15.04
CA LYS C 81 -39.92 -1.84 -13.95
C LYS C 81 -38.43 -1.46 -13.90
N SER C 82 -37.96 -1.08 -12.71
CA SER C 82 -36.55 -0.73 -12.57
C SER C 82 -36.05 -1.21 -11.22
N ILE C 83 -34.73 -1.31 -11.13
CA ILE C 83 -34.03 -1.90 -9.99
C ILE C 83 -33.11 -0.84 -9.41
N LEU C 84 -33.18 -0.63 -8.11
CA LEU C 84 -32.27 0.26 -7.38
C LEU C 84 -31.31 -0.61 -6.58
N GLU C 85 -30.02 -0.51 -6.89
CA GLU C 85 -28.99 -1.32 -6.25
C GLU C 85 -28.26 -0.42 -5.27
N VAL C 86 -28.67 -0.49 -4.01
CA VAL C 86 -28.23 0.47 -2.99
C VAL C 86 -26.73 0.36 -2.75
N ARG C 87 -26.14 -0.82 -2.97
CA ARG C 87 -24.70 -0.95 -2.81
C ARG C 87 -23.94 -0.13 -3.84
N GLY C 88 -24.40 -0.16 -5.10
CA GLY C 88 -23.74 0.67 -6.12
C GLY C 88 -23.76 2.14 -5.76
N LEU C 89 -24.86 2.59 -5.15
CA LEU C 89 -24.94 3.97 -4.70
C LEU C 89 -23.87 4.26 -3.66
N ASP C 90 -23.45 3.24 -2.91
CA ASP C 90 -22.46 3.44 -1.87
C ASP C 90 -21.13 3.86 -2.46
N GLU C 91 -20.62 3.06 -3.40
CA GLU C 91 -19.36 3.40 -4.05
C GLU C 91 -19.41 4.80 -4.66
N ASP C 92 -20.51 5.13 -5.34
CA ASP C 92 -20.64 6.44 -5.95
C ASP C 92 -20.53 7.55 -4.92
N ILE C 93 -21.08 7.32 -3.72
CA ILE C 93 -21.01 8.33 -2.67
C ILE C 93 -19.55 8.52 -2.22
N SER C 94 -18.79 7.43 -2.10
CA SER C 94 -17.38 7.57 -1.73
C SER C 94 -16.59 8.34 -2.79
N GLN C 95 -16.90 8.11 -4.07
CA GLN C 95 -16.27 8.90 -5.12
C GLN C 95 -16.57 10.38 -4.96
N LEU C 96 -17.85 10.70 -4.69
CA LEU C 96 -18.25 12.09 -4.52
C LEU C 96 -17.55 12.72 -3.32
N ALA C 97 -17.31 11.94 -2.26
CA ALA C 97 -16.61 12.47 -1.10
C ALA C 97 -15.22 12.98 -1.51
N ARG C 98 -14.48 12.17 -2.27
CA ARG C 98 -13.14 12.54 -2.75
C ARG C 98 -13.14 13.80 -3.61
N THR C 100 -14.76 16.84 -3.30
CA THR C 100 -14.72 18.12 -2.57
C THR C 100 -15.57 19.20 -3.28
N LEU C 101 -16.71 18.78 -3.79
CA LEU C 101 -17.67 19.75 -4.34
C LEU C 101 -18.20 20.64 -3.24
N HIS C 102 -18.11 21.97 -3.42
CA HIS C 102 -18.67 22.91 -2.45
C HIS C 102 -20.13 22.58 -2.12
N GLU C 103 -20.99 22.40 -3.14
CA GLU C 103 -22.41 22.12 -2.91
C GLU C 103 -22.70 20.70 -2.44
N VAL C 104 -21.75 19.78 -2.51
CA VAL C 104 -22.02 18.44 -2.03
C VAL C 104 -21.08 18.16 -0.85
N GLY C 105 -21.48 18.66 0.32
CA GLY C 105 -20.59 18.66 1.48
C GLY C 105 -20.42 17.28 2.09
N LEU C 106 -19.25 17.07 2.67
CA LEU C 106 -18.88 15.76 3.22
C LEU C 106 -19.90 15.25 4.24
N GLU C 107 -20.40 16.12 5.11
CA GLU C 107 -21.28 15.64 6.17
C GLU C 107 -22.63 15.17 5.59
N GLY C 108 -23.26 16.00 4.77
CA GLY C 108 -24.49 15.57 4.12
C GLY C 108 -24.30 14.29 3.33
N LEU C 109 -23.15 14.16 2.65
CA LEU C 109 -22.88 12.95 1.89
C LEU C 109 -22.90 11.73 2.80
N LEU C 110 -22.19 11.82 3.94
CA LEU C 110 -22.13 10.71 4.88
C LEU C 110 -23.49 10.44 5.52
N LYS C 111 -24.23 11.50 5.88
CA LYS C 111 -25.57 11.31 6.42
C LYS C 111 -26.47 10.63 5.41
N PHE C 112 -26.37 11.05 4.15
CA PHE C 112 -27.09 10.38 3.07
C PHE C 112 -26.72 8.90 2.98
N ALA C 113 -25.42 8.60 2.99
CA ALA C 113 -25.00 7.21 2.92
C ALA C 113 -25.54 6.41 4.10
N LYS C 114 -25.53 7.01 5.29
CA LYS C 114 -26.04 6.34 6.49
C LYS C 114 -27.53 6.01 6.36
N SER C 115 -28.31 6.91 5.78
CA SER C 115 -29.75 6.77 5.79
C SER C 115 -30.21 5.73 4.78
N ILE C 116 -29.49 5.55 3.68
CA ILE C 116 -29.84 4.52 2.72
C ILE C 116 -29.23 3.16 3.04
N GLY C 117 -28.22 3.11 3.92
CA GLY C 117 -27.64 1.83 4.28
C GLY C 117 -28.61 0.87 4.92
N VAL C 118 -29.74 1.37 5.43
CA VAL C 118 -30.73 0.52 6.10
C VAL C 118 -31.78 -0.01 5.15
N LEU C 119 -31.90 0.56 3.95
CA LEU C 119 -32.76 0.00 2.93
C LEU C 119 -32.32 -1.41 2.57
N PRO C 120 -33.25 -2.27 2.14
CA PRO C 120 -32.87 -3.61 1.69
C PRO C 120 -31.91 -3.55 0.51
N GLY C 121 -31.24 -4.68 0.27
CA GLY C 121 -30.19 -4.68 -0.74
C GLY C 121 -30.69 -4.37 -2.14
N GLU C 122 -31.85 -4.92 -2.49
CA GLU C 122 -32.43 -4.78 -3.81
C GLU C 122 -33.85 -4.22 -3.70
N VAL C 123 -34.11 -3.14 -4.45
CA VAL C 123 -35.45 -2.58 -4.56
C VAL C 123 -35.90 -2.65 -6.01
N THR C 124 -37.14 -3.07 -6.21
CA THR C 124 -37.81 -3.01 -7.51
C THR C 124 -38.81 -1.87 -7.50
N LEU C 125 -38.88 -1.12 -8.61
CA LEU C 125 -39.82 0.00 -8.76
C LEU C 125 -40.64 -0.21 -10.02
N ILE C 126 -41.92 -0.49 -9.83
CA ILE C 126 -42.88 -0.60 -10.91
C ILE C 126 -43.71 0.68 -10.92
N GLY C 127 -43.55 1.47 -11.97
CA GLY C 127 -44.26 2.72 -12.09
C GLY C 127 -45.20 2.70 -13.28
N CYS C 128 -46.16 3.62 -13.29
CA CYS C 128 -47.19 3.60 -14.31
C CYS C 128 -47.32 5.00 -14.90
N ILE C 129 -47.22 5.09 -16.22
CA ILE C 129 -47.56 6.32 -16.93
C ILE C 129 -49.05 6.59 -16.75
N PRO C 130 -49.42 7.66 -16.04
CA PRO C 130 -50.84 7.94 -15.83
C PRO C 130 -51.46 8.63 -17.03
N ARG C 131 -52.78 8.45 -17.17
CA ARG C 131 -53.51 9.23 -18.16
C ARG C 131 -53.90 10.59 -17.61
N SER C 132 -54.31 10.64 -16.34
CA SER C 132 -54.75 11.88 -15.72
C SER C 132 -54.53 11.82 -14.21
N LEU C 133 -54.02 12.92 -13.67
CA LEU C 133 -53.89 13.10 -12.23
C LEU C 133 -54.90 14.09 -11.68
N LYS C 134 -55.81 14.57 -12.53
CA LYS C 134 -56.91 15.41 -12.08
C LYS C 134 -57.63 14.76 -10.89
N PRO C 135 -58.09 15.54 -9.91
CA PRO C 135 -58.79 14.94 -8.77
C PRO C 135 -59.96 14.07 -9.21
N SER C 136 -59.95 12.84 -8.74
CA SER C 136 -60.95 11.85 -9.12
C SER C 136 -60.80 10.64 -8.23
N LEU C 137 -61.92 9.99 -7.95
CA LEU C 137 -61.90 8.76 -7.19
C LEU C 137 -61.56 7.55 -8.05
N GLU C 138 -61.57 7.70 -9.37
CA GLU C 138 -61.51 6.58 -10.29
C GLU C 138 -60.22 6.59 -11.10
N LEU C 139 -59.82 5.41 -11.54
CA LEU C 139 -58.72 5.31 -12.49
C LEU C 139 -59.25 5.49 -13.91
N SER C 140 -58.37 5.99 -14.79
CA SER C 140 -58.63 5.92 -16.20
C SER C 140 -58.72 4.45 -16.63
N GLU C 141 -59.13 4.25 -17.88
CA GLU C 141 -59.31 2.89 -18.38
C GLU C 141 -57.98 2.20 -18.59
N GLU C 142 -56.99 2.93 -19.10
CA GLU C 142 -55.65 2.37 -19.28
C GLU C 142 -55.08 1.90 -17.94
N VAL C 143 -54.91 2.84 -17.00
CA VAL C 143 -54.30 2.52 -15.72
C VAL C 143 -55.12 1.46 -14.98
N GLU C 144 -56.45 1.49 -15.14
CA GLU C 144 -57.27 0.37 -14.70
C GLU C 144 -56.74 -0.96 -15.25
N ALA C 145 -56.55 -1.02 -16.57
CA ALA C 145 -56.00 -2.24 -17.15
C ALA C 145 -54.56 -2.47 -16.70
N ALA C 146 -53.80 -1.38 -16.52
CA ALA C 146 -52.42 -1.49 -16.09
C ALA C 146 -52.29 -2.05 -14.67
N THR C 147 -53.33 -1.91 -13.83
CA THR C 147 -53.28 -2.51 -12.49
C THR C 147 -53.07 -4.02 -12.58
N HIS C 148 -53.90 -4.70 -13.38
CA HIS C 148 -53.76 -6.15 -13.53
C HIS C 148 -52.45 -6.51 -14.22
N ALA C 149 -52.05 -5.74 -15.23
CA ALA C 149 -50.74 -5.92 -15.84
C ALA C 149 -49.64 -5.87 -14.79
N ALA C 150 -49.76 -4.94 -13.84
CA ALA C 150 -48.73 -4.75 -12.82
C ALA C 150 -48.77 -5.87 -11.78
N VAL C 151 -49.93 -6.49 -11.56
CA VAL C 151 -49.97 -7.62 -10.65
C VAL C 151 -49.11 -8.76 -11.19
N ASP C 152 -49.21 -9.05 -12.49
CA ASP C 152 -48.37 -10.07 -13.09
C ASP C 152 -46.88 -9.74 -12.90
N LEU C 153 -46.50 -8.48 -13.09
CA LEU C 153 -45.13 -8.08 -12.80
C LEU C 153 -44.76 -8.40 -11.36
N VAL C 154 -45.65 -8.09 -10.42
CA VAL C 154 -45.38 -8.40 -9.02
C VAL C 154 -45.26 -9.90 -8.81
N LEU C 155 -46.20 -10.67 -9.35
CA LEU C 155 -46.15 -12.12 -9.18
C LEU C 155 -44.89 -12.70 -9.83
N GLU C 156 -44.53 -12.23 -11.02
CA GLU C 156 -43.32 -12.74 -11.66
C GLU C 156 -42.06 -12.27 -10.92
N ALA C 157 -42.08 -11.03 -10.41
CA ALA C 157 -40.96 -10.57 -9.58
C ALA C 157 -40.90 -11.36 -8.28
N LEU C 158 -42.07 -11.63 -7.68
CA LEU C 158 -42.15 -12.54 -6.55
C LEU C 158 -41.99 -14.00 -6.96
N GLY C 159 -41.93 -14.28 -8.26
CA GLY C 159 -41.77 -15.63 -8.76
C GLY C 159 -43.03 -16.47 -8.80
N LEU C 160 -44.12 -16.03 -8.16
CA LEU C 160 -45.31 -16.86 -8.00
C LEU C 160 -46.01 -17.09 -9.34
N GLU C 161 -45.92 -16.15 -10.28
CA GLU C 161 -46.51 -16.32 -11.60
C GLU C 161 -45.68 -15.60 -12.66
N LYS D 8 42.86 11.17 21.98
CA LYS D 8 42.25 9.84 21.95
C LYS D 8 40.76 9.90 21.58
N ARG D 9 40.48 10.37 20.37
CA ARG D 9 39.14 10.22 19.81
C ARG D 9 39.17 9.77 18.35
N VAL D 10 40.32 9.40 17.80
CA VAL D 10 40.43 8.76 16.48
C VAL D 10 41.53 7.71 16.53
N LEU D 11 41.21 6.48 16.13
CA LEU D 11 42.14 5.37 16.19
C LEU D 11 42.62 5.00 14.79
N VAL D 12 43.94 4.80 14.66
CA VAL D 12 44.55 4.20 13.48
C VAL D 12 45.26 2.94 13.94
N ALA D 13 44.68 1.77 13.65
CA ALA D 13 45.17 0.49 14.14
C ALA D 13 45.89 -0.24 13.02
N GLY D 14 47.16 -0.56 13.24
CA GLY D 14 47.89 -1.43 12.34
C GLY D 14 47.79 -2.86 12.84
N VAL D 15 47.28 -3.75 12.00
CA VAL D 15 46.96 -5.13 12.37
C VAL D 15 47.80 -6.08 11.53
N GLY D 16 48.45 -7.03 12.18
CA GLY D 16 49.20 -8.02 11.44
C GLY D 16 50.44 -8.45 12.18
N ASN D 17 51.15 -9.41 11.61
CA ASN D 17 52.32 -10.02 12.25
C ASN D 17 53.59 -9.49 11.59
N ARG D 18 54.36 -8.68 12.34
CA ARG D 18 55.61 -8.15 11.82
C ARG D 18 56.54 -9.26 11.38
N LEU D 19 56.45 -10.42 12.03
CA LEU D 19 57.30 -11.56 11.75
C LEU D 19 56.93 -12.29 10.48
N GLY D 21 56.52 -11.34 7.16
CA GLY D 21 56.76 -10.58 5.96
C GLY D 21 55.76 -9.47 5.71
N ASP D 22 55.01 -9.59 4.62
CA ASP D 22 54.08 -8.53 4.24
C ASP D 22 52.86 -8.46 5.15
N ASP D 23 52.67 -9.41 6.05
CA ASP D 23 51.63 -9.20 7.05
C ASP D 23 51.98 -8.04 7.97
N GLY D 24 53.24 -7.58 7.93
CA GLY D 24 53.71 -6.44 8.69
C GLY D 24 53.25 -5.10 8.16
N PHE D 25 52.48 -5.11 7.07
CA PHE D 25 52.08 -3.88 6.39
C PHE D 25 51.48 -2.87 7.37
N GLY D 26 50.39 -3.26 8.05
CA GLY D 26 49.69 -2.44 8.99
C GLY D 26 50.59 -1.84 10.08
N PRO D 27 51.20 -2.69 10.91
CA PRO D 27 52.15 -2.17 11.90
C PRO D 27 53.20 -1.23 11.31
N ARG D 28 53.75 -1.58 10.15
CA ARG D 28 54.77 -0.72 9.55
C ARG D 28 54.19 0.64 9.15
N VAL D 29 52.91 0.69 8.78
CA VAL D 29 52.29 1.97 8.50
C VAL D 29 52.17 2.79 9.79
N VAL D 30 51.82 2.13 10.89
CA VAL D 30 51.81 2.80 12.18
C VAL D 30 53.20 3.28 12.56
N ASP D 31 54.25 2.53 12.19
CA ASP D 31 55.61 2.98 12.46
C ASP D 31 55.89 4.32 11.78
N LEU D 32 55.51 4.43 10.51
CA LEU D 32 55.72 5.68 9.79
C LEU D 32 54.92 6.81 10.41
N LEU D 33 53.65 6.56 10.76
CA LEU D 33 52.83 7.62 11.33
C LEU D 33 53.29 8.01 12.72
N SER D 34 53.82 7.05 13.49
CA SER D 34 54.28 7.37 14.85
C SER D 34 55.37 8.41 14.84
N SER D 35 56.16 8.49 13.76
CA SER D 35 57.26 9.44 13.66
C SER D 35 56.88 10.70 12.90
N SER D 37 54.14 14.31 12.85
CA SER D 37 53.56 15.27 13.80
C SER D 37 52.04 15.28 13.64
N LEU D 38 51.42 14.19 14.13
CA LEU D 38 49.99 14.02 14.07
C LEU D 38 49.29 14.75 15.22
N PRO D 39 48.03 15.13 15.05
CA PRO D 39 47.33 15.87 16.11
C PRO D 39 47.19 15.04 17.38
N ASP D 40 46.84 15.73 18.47
CA ASP D 40 46.85 15.10 19.78
C ASP D 40 45.75 14.06 19.91
N TYR D 41 44.67 14.19 19.15
CA TYR D 41 43.55 13.27 19.30
C TYR D 41 43.78 11.93 18.60
N VAL D 42 44.64 11.90 17.59
CA VAL D 42 44.87 10.67 16.82
C VAL D 42 45.78 9.74 17.63
N ASP D 43 45.39 8.46 17.71
CA ASP D 43 46.17 7.41 18.37
C ASP D 43 46.51 6.37 17.30
N ALA D 44 47.77 6.36 16.84
CA ALA D 44 48.23 5.36 15.89
C ALA D 44 48.78 4.19 16.71
N ARG D 45 48.07 3.06 16.70
CA ARG D 45 48.42 1.96 17.59
C ARG D 45 48.78 0.72 16.79
N ASP D 46 49.88 0.09 17.18
CA ASP D 46 50.30 -1.18 16.60
C ASP D 46 49.61 -2.28 17.40
N ILE D 47 48.54 -2.82 16.84
CA ILE D 47 47.76 -3.88 17.47
C ILE D 47 48.37 -5.26 17.26
N GLY D 48 49.31 -5.37 16.33
CA GLY D 48 49.87 -6.69 16.00
C GLY D 48 48.78 -7.73 15.78
N THR D 49 48.92 -8.86 16.45
CA THR D 49 47.97 -9.96 16.31
C THR D 49 47.14 -10.15 17.58
N ALA D 50 47.09 -9.15 18.46
CA ALA D 50 46.37 -9.30 19.71
C ALA D 50 44.88 -8.95 19.63
N GLY D 51 44.45 -8.22 18.59
CA GLY D 51 43.08 -7.75 18.56
C GLY D 51 42.84 -6.59 19.49
N ILE D 52 41.61 -6.07 19.50
CA ILE D 52 41.31 -4.94 20.37
C ILE D 52 39.98 -5.14 21.08
N THR D 53 39.97 -4.91 22.40
CA THR D 53 38.72 -4.94 23.17
C THR D 53 37.85 -3.74 22.81
N VAL D 54 36.56 -3.97 22.59
CA VAL D 54 35.69 -2.85 22.23
C VAL D 54 35.31 -2.04 23.47
N ALA D 55 35.04 -2.70 24.59
CA ALA D 55 34.67 -2.00 25.81
C ALA D 55 35.91 -1.40 26.46
N THR D 56 35.80 -0.14 26.89
CA THR D 56 36.87 0.62 27.54
C THR D 56 38.08 0.83 26.64
N ASP D 57 37.95 0.63 25.34
CA ASP D 57 39.07 0.84 24.42
C ASP D 57 38.53 1.38 23.10
N LEU D 58 37.85 0.53 22.33
CA LEU D 58 37.43 0.94 21.00
C LEU D 58 36.31 1.96 21.02
N GLU D 59 35.52 2.01 22.10
CA GLU D 59 34.41 2.95 22.18
C GLU D 59 34.86 4.41 22.32
N ASP D 60 36.07 4.65 22.84
CA ASP D 60 36.53 6.02 23.02
C ASP D 60 36.70 6.74 21.69
N TYR D 61 37.00 6.00 20.64
CA TYR D 61 37.24 6.59 19.33
C TYR D 61 35.91 6.69 18.58
N GLU D 62 35.57 7.89 18.15
CA GLU D 62 34.41 8.07 17.31
C GLU D 62 34.71 7.73 15.85
N LYS D 63 35.98 7.73 15.47
CA LYS D 63 36.41 7.37 14.11
C LYS D 63 37.55 6.39 14.22
N VAL D 64 37.50 5.32 13.42
CA VAL D 64 38.49 4.26 13.49
C VAL D 64 38.95 3.87 12.09
N ILE D 65 40.26 3.82 11.89
CA ILE D 65 40.87 3.40 10.64
C ILE D 65 41.73 2.17 10.93
N PHE D 66 41.51 1.11 10.16
CA PHE D 66 42.23 -0.14 10.32
C PHE D 66 43.12 -0.38 9.12
N LEU D 67 44.32 -0.89 9.37
CA LEU D 67 45.29 -1.22 8.33
C LEU D 67 45.69 -2.68 8.50
N ASP D 68 45.51 -3.48 7.46
CA ASP D 68 45.86 -4.89 7.56
C ASP D 68 46.25 -5.40 6.18
N SER D 69 46.62 -6.67 6.13
CA SER D 69 46.99 -7.34 4.90
C SER D 69 45.88 -8.31 4.54
N VAL D 70 45.42 -8.28 3.29
CA VAL D 70 44.25 -9.05 2.87
C VAL D 70 44.45 -9.46 1.43
N GLU D 71 44.30 -10.75 1.15
CA GLU D 71 44.63 -11.31 -0.15
C GLU D 71 43.43 -11.21 -1.08
N LEU D 72 43.52 -10.33 -2.08
CA LEU D 72 42.48 -10.14 -3.08
C LEU D 72 43.09 -10.33 -4.47
N GLU D 73 42.20 -10.32 -5.46
CA GLU D 73 42.59 -10.33 -6.86
C GLU D 73 43.05 -8.93 -7.23
N GLY D 74 44.35 -8.74 -7.30
CA GLY D 74 44.91 -7.48 -7.70
C GLY D 74 46.42 -7.52 -7.59
N PRO D 75 47.06 -6.42 -8.01
CA PRO D 75 48.53 -6.38 -8.00
C PRO D 75 49.08 -6.43 -6.59
N PRO D 76 50.13 -7.24 -6.36
CA PRO D 76 50.81 -7.22 -5.06
C PRO D 76 51.28 -5.84 -4.66
N GLY D 77 50.74 -5.32 -3.55
CA GLY D 77 51.05 -3.99 -3.08
C GLY D 77 49.94 -2.97 -3.26
N ARG D 78 48.81 -3.36 -3.85
CA ARG D 78 47.71 -2.42 -4.03
C ARG D 78 46.88 -2.28 -2.76
N LEU D 79 46.37 -1.08 -2.55
CA LEU D 79 45.54 -0.77 -1.40
C LEU D 79 44.07 -0.80 -1.81
N SER D 80 43.29 -1.58 -1.08
CA SER D 80 41.83 -1.53 -1.14
C SER D 80 41.35 -0.75 0.07
N LYS D 81 40.48 0.22 -0.16
CA LYS D 81 39.86 0.99 0.91
C LYS D 81 38.36 0.72 0.91
N SER D 82 37.86 0.19 2.02
CA SER D 82 36.44 -0.09 2.15
C SER D 82 35.94 0.51 3.44
N ILE D 83 34.61 0.51 3.60
CA ILE D 83 33.95 1.19 4.70
C ILE D 83 32.90 0.24 5.29
N LEU D 84 32.86 0.17 6.61
CA LEU D 84 31.93 -0.68 7.34
C LEU D 84 30.96 0.24 8.06
N GLU D 85 29.70 0.21 7.63
CA GLU D 85 28.65 1.05 8.17
C GLU D 85 27.89 0.22 9.21
N VAL D 86 28.15 0.50 10.48
CA VAL D 86 27.55 -0.28 11.55
C VAL D 86 26.03 -0.18 11.51
N ARG D 87 25.50 0.97 11.09
CA ARG D 87 24.06 1.18 11.10
C ARG D 87 23.37 0.30 10.06
N GLY D 88 23.87 0.27 8.82
CA GLY D 88 23.28 -0.59 7.81
C GLY D 88 23.33 -2.06 8.19
N LEU D 89 24.38 -2.47 8.89
CA LEU D 89 24.48 -3.84 9.36
C LEU D 89 23.36 -4.15 10.34
N ASP D 90 23.02 -3.18 11.19
CA ASP D 90 21.92 -3.35 12.12
C ASP D 90 20.60 -3.57 11.37
N GLU D 91 20.31 -2.72 10.39
CA GLU D 91 19.10 -2.90 9.58
C GLU D 91 19.10 -4.23 8.85
N ASP D 92 20.26 -4.67 8.35
CA ASP D 92 20.33 -5.97 7.72
C ASP D 92 20.04 -7.08 8.73
N ILE D 93 20.50 -6.93 9.96
CA ILE D 93 20.26 -7.95 10.97
C ILE D 93 18.77 -8.03 11.29
N SER D 94 18.07 -6.89 11.20
CA SER D 94 16.63 -6.91 11.40
C SER D 94 15.92 -7.66 10.28
N GLN D 95 16.34 -7.45 9.02
CA GLN D 95 15.79 -8.22 7.91
C GLN D 95 16.02 -9.71 8.09
N LEU D 96 17.19 -10.11 8.59
CA LEU D 96 17.46 -11.53 8.80
C LEU D 96 16.53 -12.12 9.85
N ALA D 97 16.24 -11.36 10.91
CA ALA D 97 15.31 -11.84 11.93
C ALA D 97 13.99 -12.27 11.31
N ARG D 98 13.37 -11.40 10.50
CA ARG D 98 12.08 -11.68 9.88
C ARG D 98 12.07 -12.97 9.07
N THR D 100 13.40 -16.01 9.70
CA THR D 100 13.25 -17.23 10.50
C THR D 100 14.10 -18.38 9.97
N LEU D 101 15.35 -18.07 9.64
CA LEU D 101 16.29 -19.10 9.25
C LEU D 101 16.62 -19.99 10.44
N HIS D 102 16.53 -21.32 10.25
CA HIS D 102 16.89 -22.26 11.30
C HIS D 102 18.29 -21.98 11.87
N GLU D 103 19.32 -21.93 10.99
CA GLU D 103 20.70 -21.75 11.41
C GLU D 103 21.01 -20.34 11.91
N VAL D 104 20.10 -19.38 11.75
CA VAL D 104 20.38 -18.00 12.16
C VAL D 104 19.34 -17.62 13.20
N GLY D 105 19.49 -18.16 14.41
CA GLY D 105 18.48 -18.02 15.45
C GLY D 105 18.38 -16.62 16.02
N LEU D 106 17.17 -16.28 16.46
CA LEU D 106 16.85 -14.90 16.81
C LEU D 106 17.72 -14.40 17.96
N GLU D 107 17.91 -15.21 18.99
CA GLU D 107 18.68 -14.73 20.14
C GLU D 107 20.13 -14.45 19.77
N GLY D 108 20.70 -15.23 18.84
CA GLY D 108 22.05 -14.93 18.40
C GLY D 108 22.12 -13.69 17.53
N LEU D 109 21.12 -13.47 16.68
CA LEU D 109 21.08 -12.24 15.89
C LEU D 109 21.06 -11.03 16.80
N LEU D 110 20.27 -11.11 17.88
CA LEU D 110 20.09 -10.02 18.84
C LEU D 110 21.38 -9.78 19.63
N LYS D 111 21.99 -10.84 20.14
CA LYS D 111 23.27 -10.66 20.82
C LYS D 111 24.31 -10.07 19.88
N PHE D 112 24.30 -10.50 18.62
CA PHE D 112 25.21 -9.97 17.63
C PHE D 112 24.97 -8.48 17.42
N ALA D 113 23.71 -8.08 17.26
CA ALA D 113 23.41 -6.66 17.10
C ALA D 113 23.90 -5.86 18.29
N LYS D 114 23.70 -6.38 19.49
CA LYS D 114 24.06 -5.64 20.69
C LYS D 114 25.57 -5.46 20.77
N SER D 115 26.31 -6.50 20.39
CA SER D 115 27.77 -6.42 20.51
C SER D 115 28.35 -5.42 19.50
N ILE D 116 27.86 -5.39 18.27
CA ILE D 116 28.39 -4.41 17.31
C ILE D 116 27.83 -3.01 17.52
N GLY D 117 26.70 -2.87 18.22
CA GLY D 117 26.11 -1.55 18.41
C GLY D 117 27.01 -0.54 19.08
N VAL D 118 28.03 -0.99 19.81
CA VAL D 118 28.89 -0.08 20.57
C VAL D 118 30.16 0.22 19.78
N LEU D 119 30.24 -0.24 18.54
CA LEU D 119 31.35 0.13 17.68
C LEU D 119 31.24 1.60 17.30
N PRO D 120 32.34 2.20 16.86
CA PRO D 120 32.28 3.59 16.37
C PRO D 120 31.42 3.69 15.11
N GLY D 121 30.87 4.88 14.92
CA GLY D 121 29.96 5.13 13.81
C GLY D 121 30.49 4.66 12.48
N GLU D 122 31.48 5.38 11.94
CA GLU D 122 32.16 4.97 10.72
C GLU D 122 33.47 4.26 11.07
N VAL D 123 33.77 3.23 10.29
CA VAL D 123 34.99 2.46 10.43
C VAL D 123 35.57 2.25 9.05
N THR D 124 36.86 2.54 8.89
CA THR D 124 37.51 2.50 7.59
C THR D 124 38.61 1.45 7.60
N LEU D 125 38.74 0.72 6.49
CA LEU D 125 39.64 -0.42 6.42
C LEU D 125 40.48 -0.32 5.16
N ILE D 126 41.79 -0.21 5.36
CA ILE D 126 42.77 -0.18 4.27
C ILE D 126 43.51 -1.52 4.30
N GLY D 127 43.26 -2.33 3.28
CA GLY D 127 43.96 -3.58 3.12
C GLY D 127 45.04 -3.46 2.06
N CYS D 128 46.14 -4.17 2.27
CA CYS D 128 47.22 -4.26 1.30
C CYS D 128 47.29 -5.69 0.77
N ILE D 129 47.32 -5.83 -0.55
CA ILE D 129 47.58 -7.14 -1.16
C ILE D 129 49.05 -7.45 -0.92
N PRO D 130 49.37 -8.58 -0.29
CA PRO D 130 50.76 -8.92 -0.03
C PRO D 130 51.38 -9.65 -1.21
N ARG D 131 52.71 -9.73 -1.19
CA ARG D 131 53.46 -10.59 -2.10
C ARG D 131 53.93 -11.87 -1.42
N SER D 132 54.38 -11.79 -0.17
CA SER D 132 54.88 -12.97 0.53
C SER D 132 54.59 -12.86 2.01
N LEU D 133 54.18 -13.98 2.59
CA LEU D 133 53.88 -14.09 4.01
C LEU D 133 54.72 -15.16 4.68
N LYS D 134 55.76 -15.67 4.01
CA LYS D 134 56.64 -16.61 4.68
C LYS D 134 57.41 -15.88 5.77
N PRO D 135 57.73 -16.56 6.86
CA PRO D 135 58.34 -15.87 8.01
C PRO D 135 59.52 -15.03 7.61
N SER D 136 59.47 -13.73 7.94
CA SER D 136 60.46 -12.78 7.48
C SER D 136 60.21 -11.48 8.20
N LEU D 137 61.29 -10.73 8.47
CA LEU D 137 61.14 -9.45 9.14
C LEU D 137 60.98 -8.30 8.16
N GLU D 138 60.96 -8.56 6.85
CA GLU D 138 60.94 -7.47 5.88
C GLU D 138 59.70 -7.47 4.99
N LEU D 139 59.41 -6.28 4.48
CA LEU D 139 58.41 -6.06 3.46
C LEU D 139 59.02 -6.13 2.07
N SER D 140 58.26 -6.67 1.12
CA SER D 140 58.64 -6.56 -0.28
C SER D 140 58.66 -5.09 -0.70
N GLU D 141 59.35 -4.81 -1.81
CA GLU D 141 59.37 -3.46 -2.36
C GLU D 141 57.96 -2.94 -2.60
N GLU D 142 57.08 -3.79 -3.12
CA GLU D 142 55.71 -3.36 -3.38
C GLU D 142 55.00 -2.93 -2.10
N VAL D 143 55.07 -3.77 -1.07
CA VAL D 143 54.39 -3.44 0.19
C VAL D 143 55.12 -2.31 0.92
N GLU D 144 56.44 -2.27 0.81
CA GLU D 144 57.18 -1.15 1.38
C GLU D 144 56.71 0.17 0.76
N ALA D 145 56.58 0.21 -0.56
CA ALA D 145 56.01 1.38 -1.21
C ALA D 145 54.55 1.58 -0.81
N ALA D 146 53.81 0.49 -0.60
CA ALA D 146 52.41 0.62 -0.20
C ALA D 146 52.27 1.30 1.15
N THR D 147 53.25 1.11 2.05
CA THR D 147 53.16 1.72 3.37
C THR D 147 53.09 3.24 3.28
N HIS D 148 53.92 3.85 2.41
CA HIS D 148 53.85 5.29 2.21
C HIS D 148 52.58 5.68 1.47
N ALA D 149 52.19 4.88 0.47
CA ALA D 149 50.88 5.06 -0.15
C ALA D 149 49.80 5.08 0.92
N ALA D 150 49.84 4.12 1.86
CA ALA D 150 48.84 4.03 2.91
C ALA D 150 48.90 5.23 3.85
N VAL D 151 50.11 5.70 4.15
CA VAL D 151 50.25 6.94 4.89
C VAL D 151 49.51 8.08 4.19
N ASP D 152 49.61 8.14 2.86
CA ASP D 152 48.87 9.14 2.10
C ASP D 152 47.37 9.00 2.34
N LEU D 153 46.85 7.77 2.23
CA LEU D 153 45.42 7.56 2.41
C LEU D 153 44.97 7.87 3.84
N VAL D 154 45.81 7.60 4.84
CA VAL D 154 45.39 7.82 6.21
C VAL D 154 45.21 9.32 6.49
N LEU D 155 46.22 10.12 6.17
CA LEU D 155 46.09 11.57 6.33
C LEU D 155 44.99 12.12 5.45
N GLU D 156 44.83 11.56 4.25
CA GLU D 156 43.76 11.97 3.35
C GLU D 156 42.40 11.71 3.98
N ALA D 157 42.23 10.57 4.64
CA ALA D 157 40.99 10.27 5.35
C ALA D 157 40.89 11.00 6.69
N LEU D 158 41.99 11.53 7.21
CA LEU D 158 41.94 12.32 8.43
C LEU D 158 41.76 13.81 8.17
N GLY D 159 42.08 14.27 6.96
CA GLY D 159 42.03 15.69 6.65
C GLY D 159 43.36 16.40 6.81
N LEU D 160 44.46 15.67 6.87
CA LEU D 160 45.76 16.23 7.20
C LEU D 160 46.71 16.15 6.01
#